data_6OHI
#
_entry.id   6OHI
#
_cell.length_a   65.459
_cell.length_b   65.459
_cell.length_c   288.707
_cell.angle_alpha   90.00
_cell.angle_beta   90.00
_cell.angle_gamma   120.00
#
_symmetry.space_group_name_H-M   'P 61 2 2'
#
loop_
_entity.id
_entity.type
_entity.pdbx_description
1 polymer 'Debrominase Bmp8'
2 non-polymer 'SULFATE ION'
3 water water
#
_entity_poly.entity_id   1
_entity_poly.type   'polypeptide(L)'
_entity_poly.pdbx_seq_one_letter_code
;GSHMTDSMNTLVTPLQRSDAPQLEPVFRGMEQNLGFLPNGILTMGKNPDLAVAFGGLFKCIDAFKHIPTELKWAIAMISS
SAAGCMYCKSHFSHIATRTHVNRNKVMAAFEFQTSDFYNEAERAALAFAFANSTSPAHLDKEHFDELARYYSEEAAIEIA
AIIAICGFLNRWNAAMDSQIEAAPRATLDEIEKQN
;
_entity_poly.pdbx_strand_id   A,B
#
loop_
_chem_comp.id
_chem_comp.type
_chem_comp.name
_chem_comp.formula
SO4 non-polymer 'SULFATE ION' 'O4 S -2'
#
# COMPACT_ATOMS: atom_id res chain seq x y z
N ASP A 6 -8.38 10.37 22.19
CA ASP A 6 -8.00 9.00 21.73
C ASP A 6 -8.30 8.90 20.23
N SER A 7 -8.54 7.67 19.77
CA SER A 7 -8.74 7.32 18.37
C SER A 7 -10.20 7.62 17.97
N MET A 8 -10.39 7.97 16.69
CA MET A 8 -11.71 8.15 16.12
C MET A 8 -12.36 6.80 15.87
N ASN A 9 -11.54 5.74 15.85
CA ASN A 9 -11.95 4.38 15.56
C ASN A 9 -12.18 3.62 16.87
N THR A 10 -13.44 3.26 17.14
CA THR A 10 -13.82 2.48 18.33
C THR A 10 -14.35 1.09 17.93
N LEU A 11 -14.56 0.87 16.63
CA LEU A 11 -15.16 -0.36 16.11
C LEU A 11 -14.16 -1.51 16.15
N VAL A 12 -12.93 -1.27 15.69
CA VAL A 12 -11.96 -2.35 15.46
C VAL A 12 -10.78 -2.17 16.43
N THR A 13 -10.75 -3.04 17.44
CA THR A 13 -9.85 -2.98 18.56
C THR A 13 -8.81 -4.10 18.45
N PRO A 14 -7.60 -3.91 19.01
CA PRO A 14 -6.57 -4.96 19.02
C PRO A 14 -6.96 -6.11 19.95
N LEU A 15 -6.53 -7.33 19.59
CA LEU A 15 -6.57 -8.44 20.53
C LEU A 15 -5.32 -8.34 21.42
N GLN A 16 -5.32 -9.06 22.56
CA GLN A 16 -4.15 -9.14 23.46
C GLN A 16 -3.11 -10.02 22.74
N ARG A 17 -1.82 -9.68 22.89
CA ARG A 17 -0.73 -10.45 22.27
C ARG A 17 -0.88 -11.96 22.55
N SER A 18 -1.18 -12.31 23.81
CA SER A 18 -1.31 -13.70 24.27
C SER A 18 -2.40 -14.46 23.52
N ASP A 19 -3.40 -13.74 22.97
CA ASP A 19 -4.56 -14.35 22.29
C ASP A 19 -4.15 -15.02 20.97
N ALA A 20 -3.08 -14.52 20.32
CA ALA A 20 -2.68 -15.01 19.00
C ALA A 20 -1.19 -15.33 18.98
N PRO A 21 -0.74 -16.46 19.59
CA PRO A 21 0.66 -16.83 19.55
C PRO A 21 1.11 -17.30 18.16
N GLN A 22 0.17 -17.74 17.32
CA GLN A 22 0.52 -18.23 15.97
C GLN A 22 1.13 -17.09 15.13
N LEU A 23 0.85 -15.84 15.51
CA LEU A 23 1.29 -14.68 14.75
C LEU A 23 2.65 -14.17 15.25
N GLU A 24 3.24 -14.84 16.25
CA GLU A 24 4.48 -14.37 16.89
C GLU A 24 5.57 -14.20 15.84
N PRO A 25 5.76 -15.13 14.88
CA PRO A 25 6.68 -14.90 13.77
C PRO A 25 6.46 -13.55 13.04
N VAL A 26 5.20 -13.19 12.79
CA VAL A 26 4.84 -11.93 12.11
C VAL A 26 5.16 -10.73 13.02
N PHE A 27 4.76 -10.82 14.30
CA PHE A 27 4.96 -9.75 15.29
C PHE A 27 6.46 -9.48 15.47
N ARG A 28 7.27 -10.54 15.64
CA ARG A 28 8.72 -10.44 15.82
C ARG A 28 9.33 -9.60 14.68
N GLY A 29 8.98 -9.94 13.43
CA GLY A 29 9.47 -9.21 12.26
C GLY A 29 9.42 -7.70 12.47
N MET A 30 8.23 -7.23 12.87
CA MET A 30 7.89 -5.82 13.05
C MET A 30 8.64 -5.22 14.26
N GLU A 31 8.49 -5.85 15.43
CA GLU A 31 8.90 -5.27 16.71
C GLU A 31 10.41 -5.34 16.89
N GLN A 32 11.07 -6.26 16.17
CA GLN A 32 12.51 -6.40 16.25
C GLN A 32 13.18 -5.06 15.93
N ASN A 33 12.70 -4.38 14.88
CA ASN A 33 13.25 -3.11 14.43
C ASN A 33 12.78 -1.95 15.33
N LEU A 34 11.55 -2.07 15.85
CA LEU A 34 10.76 -0.96 16.41
C LEU A 34 10.82 -0.92 17.94
N GLY A 35 10.93 -2.10 18.57
CA GLY A 35 11.10 -2.24 20.03
C GLY A 35 9.83 -2.68 20.73
N PHE A 36 8.68 -2.54 20.05
CA PHE A 36 7.36 -2.90 20.55
C PHE A 36 6.47 -3.33 19.38
N LEU A 37 5.33 -3.95 19.71
CA LEU A 37 4.37 -4.41 18.73
C LEU A 37 3.28 -3.35 18.55
N PRO A 38 3.16 -2.72 17.36
CA PRO A 38 2.10 -1.73 17.13
C PRO A 38 0.70 -2.36 17.23
N ASN A 39 -0.23 -1.64 17.84
CA ASN A 39 -1.62 -2.06 17.98
C ASN A 39 -2.23 -2.39 16.61
N GLY A 40 -1.79 -1.69 15.56
CA GLY A 40 -2.30 -1.89 14.22
C GLY A 40 -2.11 -3.31 13.71
N ILE A 41 -1.03 -3.97 14.17
CA ILE A 41 -0.74 -5.32 13.73
C ILE A 41 -1.57 -6.30 14.57
N LEU A 42 -1.82 -5.95 15.83
CA LEU A 42 -2.67 -6.72 16.73
C LEU A 42 -4.13 -6.66 16.27
N THR A 43 -4.54 -5.55 15.66
CA THR A 43 -5.90 -5.44 15.05
C THR A 43 -5.95 -6.32 13.80
N MET A 44 -4.87 -6.27 12.99
CA MET A 44 -4.74 -7.07 11.77
C MET A 44 -4.84 -8.56 12.08
N GLY A 45 -4.42 -8.93 13.30
CA GLY A 45 -4.39 -10.30 13.80
C GLY A 45 -5.73 -11.00 13.78
N LYS A 46 -6.82 -10.22 13.88
CA LYS A 46 -8.18 -10.75 13.95
C LYS A 46 -8.61 -11.36 12.60
N ASN A 47 -7.82 -11.10 11.54
CA ASN A 47 -8.00 -11.76 10.27
C ASN A 47 -6.71 -12.51 9.96
N PRO A 48 -6.59 -13.79 10.38
CA PRO A 48 -5.31 -14.50 10.33
C PRO A 48 -4.68 -14.55 8.92
N ASP A 49 -5.51 -14.73 7.89
CA ASP A 49 -5.07 -14.74 6.49
C ASP A 49 -4.34 -13.43 6.14
N LEU A 50 -4.89 -12.32 6.61
CA LEU A 50 -4.38 -11.00 6.30
C LEU A 50 -3.05 -10.78 7.01
N ALA A 51 -3.04 -11.07 8.32
CA ALA A 51 -1.88 -10.85 9.16
C ALA A 51 -0.67 -11.66 8.64
N VAL A 52 -0.90 -12.95 8.34
CA VAL A 52 0.18 -13.83 7.86
C VAL A 52 0.69 -13.30 6.51
N ALA A 53 -0.22 -12.97 5.60
CA ALA A 53 0.16 -12.50 4.25
C ALA A 53 0.91 -11.17 4.36
N PHE A 54 0.36 -10.22 5.13
CA PHE A 54 1.03 -8.94 5.25
C PHE A 54 2.38 -9.10 5.97
N GLY A 55 2.41 -9.94 7.01
CA GLY A 55 3.64 -10.23 7.75
C GLY A 55 4.75 -10.73 6.85
N GLY A 56 4.38 -11.68 5.97
CA GLY A 56 5.24 -12.23 4.95
C GLY A 56 5.81 -11.15 4.02
N LEU A 57 4.95 -10.21 3.63
CA LEU A 57 5.34 -9.12 2.74
C LEU A 57 6.33 -8.20 3.46
N PHE A 58 6.01 -7.86 4.73
CA PHE A 58 6.80 -6.88 5.46
C PHE A 58 8.22 -7.39 5.74
N LYS A 59 8.37 -8.71 5.97
CA LYS A 59 9.67 -9.30 6.27
C LYS A 59 10.59 -9.23 5.04
N CYS A 60 10.02 -9.08 3.83
CA CYS A 60 10.80 -8.92 2.59
C CYS A 60 11.76 -7.73 2.69
N ILE A 61 11.40 -6.71 3.48
CA ILE A 61 12.23 -5.51 3.60
C ILE A 61 13.61 -5.88 4.17
N ASP A 62 13.63 -6.56 5.31
CA ASP A 62 14.90 -6.94 5.97
C ASP A 62 15.72 -7.86 5.06
N ALA A 63 15.05 -8.69 4.26
CA ALA A 63 15.70 -9.68 3.40
C ALA A 63 16.30 -9.06 2.13
N PHE A 64 15.86 -7.86 1.73
CA PHE A 64 16.37 -7.20 0.51
C PHE A 64 17.89 -7.00 0.61
N LYS A 65 18.58 -7.19 -0.52
CA LYS A 65 20.03 -7.39 -0.55
C LYS A 65 20.75 -6.31 -1.36
N HIS A 66 20.04 -5.53 -2.18
CA HIS A 66 20.68 -4.71 -3.21
C HIS A 66 20.75 -3.22 -2.80
N ILE A 67 20.23 -2.88 -1.62
CA ILE A 67 20.38 -1.54 -1.08
C ILE A 67 20.74 -1.62 0.39
N PRO A 68 21.50 -0.64 0.93
CA PRO A 68 21.86 -0.63 2.34
C PRO A 68 20.63 -0.54 3.25
N THR A 69 20.79 -0.97 4.52
CA THR A 69 19.75 -0.97 5.52
C THR A 69 19.30 0.46 5.84
N GLU A 70 20.26 1.39 5.95
CA GLU A 70 19.98 2.79 6.31
C GLU A 70 19.06 3.44 5.26
N LEU A 71 19.23 3.07 3.98
CA LEU A 71 18.46 3.61 2.88
C LEU A 71 17.05 3.02 2.91
N LYS A 72 16.93 1.72 3.24
CA LYS A 72 15.65 1.04 3.37
C LYS A 72 14.69 1.88 4.24
N TRP A 73 15.14 2.27 5.43
CA TRP A 73 14.28 2.93 6.39
C TRP A 73 14.11 4.41 6.05
N ALA A 74 15.14 5.00 5.44
CA ALA A 74 15.04 6.37 4.92
C ALA A 74 13.93 6.44 3.86
N ILE A 75 13.88 5.46 2.96
CA ILE A 75 12.83 5.39 1.92
C ILE A 75 11.44 5.36 2.57
N ALA A 76 11.28 4.51 3.59
CA ALA A 76 10.01 4.32 4.27
C ALA A 76 9.63 5.60 5.02
N MET A 77 10.63 6.28 5.58
CA MET A 77 10.44 7.56 6.26
C MET A 77 9.85 8.60 5.30
N ILE A 78 10.53 8.78 4.16
CA ILE A 78 10.20 9.81 3.14
C ILE A 78 8.84 9.49 2.49
N SER A 79 8.64 8.23 2.09
CA SER A 79 7.38 7.78 1.52
C SER A 79 6.22 8.10 2.46
N SER A 80 6.36 7.74 3.73
CA SER A 80 5.32 7.91 4.72
C SER A 80 5.03 9.40 4.93
N SER A 81 6.10 10.21 4.88
CA SER A 81 5.98 11.65 5.07
C SER A 81 5.28 12.27 3.87
N ALA A 82 5.70 11.89 2.67
CA ALA A 82 5.06 12.36 1.43
C ALA A 82 3.56 12.07 1.48
N ALA A 83 3.20 10.88 1.98
CA ALA A 83 1.81 10.43 2.04
C ALA A 83 1.08 11.09 3.22
N GLY A 84 1.79 11.82 4.07
CA GLY A 84 1.21 12.56 5.18
C GLY A 84 0.71 11.66 6.30
N CYS A 85 1.29 10.46 6.44
CA CYS A 85 0.97 9.54 7.53
C CYS A 85 2.01 9.76 8.65
N MET A 86 1.63 10.53 9.65
CA MET A 86 2.53 10.93 10.72
C MET A 86 2.84 9.70 11.60
N TYR A 87 1.88 8.78 11.72
CA TYR A 87 2.07 7.58 12.48
C TYR A 87 3.23 6.77 11.90
N CYS A 88 3.13 6.42 10.62
CA CYS A 88 4.14 5.63 9.92
C CYS A 88 5.46 6.41 9.82
N LYS A 89 5.38 7.74 9.67
CA LYS A 89 6.56 8.62 9.67
C LYS A 89 7.30 8.50 11.00
N SER A 90 6.56 8.48 12.12
CA SER A 90 7.16 8.37 13.45
C SER A 90 7.82 6.98 13.60
N HIS A 91 7.13 5.93 13.17
CA HIS A 91 7.60 4.54 13.31
C HIS A 91 8.90 4.29 12.54
N PHE A 92 8.92 4.67 11.26
CA PHE A 92 10.07 4.39 10.42
C PHE A 92 11.24 5.28 10.86
N SER A 93 10.94 6.50 11.33
CA SER A 93 11.96 7.36 11.92
C SER A 93 12.60 6.67 13.14
N HIS A 94 11.74 6.14 14.01
CA HIS A 94 12.12 5.45 15.23
C HIS A 94 12.96 4.21 14.90
N ILE A 95 12.53 3.43 13.90
CA ILE A 95 13.28 2.29 13.41
C ILE A 95 14.66 2.76 12.94
N ALA A 96 14.69 3.84 12.16
CA ALA A 96 15.92 4.36 11.58
C ALA A 96 16.91 4.76 12.67
N THR A 97 16.42 5.32 13.79
CA THR A 97 17.30 5.77 14.89
C THR A 97 17.76 4.59 15.74
N ARG A 98 17.00 3.49 15.72
CA ARG A 98 17.32 2.30 16.51
C ARG A 98 18.40 1.47 15.81
N THR A 99 18.46 1.56 14.48
CA THR A 99 19.35 0.74 13.66
C THR A 99 20.55 1.55 13.15
N HIS A 100 20.40 2.88 13.05
CA HIS A 100 21.45 3.73 12.53
C HIS A 100 22.47 4.05 13.64
N VAL A 101 23.75 4.04 13.24
CA VAL A 101 24.87 4.39 14.10
C VAL A 101 24.98 5.92 14.20
N ASN A 102 24.56 6.63 13.15
CA ASN A 102 24.68 8.09 13.04
C ASN A 102 23.30 8.75 13.18
N ARG A 103 22.97 9.15 14.41
CA ARG A 103 21.69 9.77 14.73
C ARG A 103 21.45 11.03 13.88
N ASN A 104 22.50 11.83 13.63
CA ASN A 104 22.36 13.12 12.95
C ASN A 104 21.92 12.94 11.49
N LYS A 105 22.41 11.87 10.83
CA LYS A 105 22.05 11.58 9.43
C LYS A 105 20.53 11.28 9.34
N VAL A 106 20.03 10.52 10.31
CA VAL A 106 18.62 10.16 10.38
C VAL A 106 17.79 11.44 10.60
N MET A 107 18.26 12.32 11.49
CA MET A 107 17.51 13.54 11.86
C MET A 107 17.44 14.53 10.69
N ALA A 108 18.31 14.37 9.69
CA ALA A 108 18.36 15.26 8.53
C ALA A 108 17.65 14.63 7.31
N ALA A 109 17.01 13.46 7.49
CA ALA A 109 16.49 12.67 6.38
C ALA A 109 15.50 13.47 5.53
N PHE A 110 14.62 14.25 6.17
CA PHE A 110 13.56 14.97 5.43
C PHE A 110 14.15 16.15 4.63
N GLU A 111 15.42 16.51 4.90
CA GLU A 111 16.13 17.53 4.13
C GLU A 111 17.16 16.87 3.19
N PHE A 112 16.96 15.59 2.86
CA PHE A 112 17.94 14.79 2.13
C PHE A 112 18.47 15.54 0.88
N GLN A 113 17.64 16.37 0.25
CA GLN A 113 18.02 17.03 -1.01
C GLN A 113 19.13 18.07 -0.81
N THR A 114 19.28 18.61 0.41
CA THR A 114 20.29 19.64 0.69
C THR A 114 21.25 19.24 1.83
N SER A 115 20.91 18.23 2.64
CA SER A 115 21.78 17.77 3.71
C SER A 115 22.99 17.05 3.12
N ASP A 116 24.17 17.34 3.68
CA ASP A 116 25.46 16.81 3.25
C ASP A 116 25.63 15.35 3.68
N PHE A 117 24.78 14.87 4.59
CA PHE A 117 24.80 13.47 5.03
C PHE A 117 24.34 12.52 3.91
N TYR A 118 23.74 13.04 2.84
CA TYR A 118 23.15 12.23 1.76
C TYR A 118 23.86 12.52 0.42
N ASN A 119 24.22 11.45 -0.30
CA ASN A 119 24.88 11.54 -1.60
C ASN A 119 23.80 11.52 -2.69
N GLU A 120 24.22 11.64 -3.96
CA GLU A 120 23.30 11.80 -5.09
C GLU A 120 22.49 10.51 -5.32
N ALA A 121 23.10 9.36 -5.03
CA ALA A 121 22.44 8.08 -5.17
C ALA A 121 21.26 7.98 -4.19
N GLU A 122 21.50 8.38 -2.93
CA GLU A 122 20.48 8.37 -1.91
C GLU A 122 19.36 9.35 -2.28
N ARG A 123 19.73 10.53 -2.76
CA ARG A 123 18.77 11.58 -3.12
C ARG A 123 17.86 11.08 -4.25
N ALA A 124 18.44 10.34 -5.21
CA ALA A 124 17.68 9.84 -6.35
C ALA A 124 16.57 8.91 -5.85
N ALA A 125 16.93 8.03 -4.90
CA ALA A 125 16.01 7.04 -4.35
C ALA A 125 14.94 7.72 -3.50
N LEU A 126 15.34 8.70 -2.68
CA LEU A 126 14.43 9.33 -1.74
C LEU A 126 13.48 10.29 -2.47
N ALA A 127 13.98 10.95 -3.53
CA ALA A 127 13.14 11.82 -4.36
C ALA A 127 12.07 10.98 -5.09
N PHE A 128 12.49 9.81 -5.59
CA PHE A 128 11.58 8.86 -6.20
C PHE A 128 10.52 8.42 -5.17
N ALA A 129 10.96 8.11 -3.95
CA ALA A 129 10.06 7.67 -2.87
C ALA A 129 9.01 8.73 -2.56
N PHE A 130 9.42 10.00 -2.54
CA PHE A 130 8.52 11.12 -2.24
C PHE A 130 7.45 11.22 -3.33
N ALA A 131 7.90 11.27 -4.58
CA ALA A 131 7.07 11.50 -5.74
C ALA A 131 6.09 10.33 -5.93
N ASN A 132 6.52 9.15 -5.50
CA ASN A 132 5.78 7.90 -5.69
C ASN A 132 4.58 7.85 -4.72
N SER A 133 4.66 8.60 -3.62
CA SER A 133 3.82 8.37 -2.44
C SER A 133 2.69 9.39 -2.29
N THR A 134 2.68 10.44 -3.10
CA THR A 134 1.61 11.44 -3.05
C THR A 134 0.39 10.91 -3.82
N SER A 135 -0.74 11.60 -3.64
CA SER A 135 -1.98 11.34 -4.36
C SER A 135 -2.35 12.57 -5.18
N PRO A 136 -2.27 12.49 -6.51
CA PRO A 136 -1.67 11.39 -7.26
C PRO A 136 -0.13 11.38 -7.14
N ALA A 137 0.49 10.30 -7.60
CA ALA A 137 1.93 10.23 -7.77
C ALA A 137 2.37 11.33 -8.73
N HIS A 138 3.50 11.97 -8.43
CA HIS A 138 4.04 13.03 -9.28
C HIS A 138 5.43 12.66 -9.81
N LEU A 139 5.65 11.36 -10.03
CA LEU A 139 6.84 10.87 -10.68
C LEU A 139 6.85 11.40 -12.12
N ASP A 140 8.00 11.96 -12.52
CA ASP A 140 8.23 12.47 -13.87
C ASP A 140 9.43 11.70 -14.44
N LYS A 141 9.72 11.92 -15.72
CA LYS A 141 10.73 11.15 -16.41
C LYS A 141 12.07 11.31 -15.69
N GLU A 142 12.34 12.49 -15.12
CA GLU A 142 13.60 12.77 -14.42
C GLU A 142 13.79 11.85 -13.20
N HIS A 143 12.69 11.56 -12.49
CA HIS A 143 12.74 10.66 -11.35
C HIS A 143 13.28 9.29 -11.81
N PHE A 144 12.78 8.82 -12.96
CA PHE A 144 13.15 7.54 -13.52
C PHE A 144 14.58 7.57 -14.08
N ASP A 145 14.93 8.64 -14.79
CA ASP A 145 16.28 8.80 -15.36
C ASP A 145 17.30 8.75 -14.22
N GLU A 146 17.05 9.51 -13.16
CA GLU A 146 17.97 9.62 -12.01
C GLU A 146 18.08 8.27 -11.30
N LEU A 147 16.98 7.52 -11.17
CA LEU A 147 17.02 6.20 -10.51
C LEU A 147 17.91 5.26 -11.33
N ALA A 148 17.72 5.26 -12.66
CA ALA A 148 18.50 4.43 -13.59
C ALA A 148 19.98 4.82 -13.54
N ARG A 149 20.27 6.09 -13.27
CA ARG A 149 21.64 6.59 -13.21
C ARG A 149 22.39 5.94 -12.05
N TYR A 150 21.69 5.63 -10.95
CA TYR A 150 22.38 5.26 -9.70
C TYR A 150 21.99 3.86 -9.19
N TYR A 151 21.07 3.16 -9.84
CA TYR A 151 20.59 1.87 -9.31
C TYR A 151 20.34 0.85 -10.43
N SER A 152 20.66 -0.41 -10.10
CA SER A 152 20.31 -1.56 -10.93
C SER A 152 18.80 -1.82 -10.88
N GLU A 153 18.33 -2.58 -11.86
CA GLU A 153 16.96 -3.09 -11.91
C GLU A 153 16.59 -3.75 -10.58
N GLU A 154 17.50 -4.57 -10.05
CA GLU A 154 17.27 -5.34 -8.83
C GLU A 154 17.00 -4.36 -7.68
N ALA A 155 17.84 -3.33 -7.60
CA ALA A 155 17.76 -2.31 -6.55
C ALA A 155 16.47 -1.51 -6.70
N ALA A 156 16.14 -1.12 -7.94
CA ALA A 156 14.97 -0.30 -8.20
C ALA A 156 13.70 -1.04 -7.74
N ILE A 157 13.66 -2.36 -7.96
CA ILE A 157 12.51 -3.17 -7.58
C ILE A 157 12.34 -3.14 -6.05
N GLU A 158 13.46 -3.21 -5.31
CA GLU A 158 13.43 -3.25 -3.86
C GLU A 158 13.00 -1.89 -3.31
N ILE A 159 13.45 -0.81 -3.97
CA ILE A 159 13.06 0.55 -3.64
C ILE A 159 11.53 0.70 -3.83
N ALA A 160 11.05 0.35 -5.03
CA ALA A 160 9.61 0.39 -5.34
C ALA A 160 8.83 -0.44 -4.31
N ALA A 161 9.36 -1.60 -3.95
CA ALA A 161 8.69 -2.55 -3.04
C ALA A 161 8.49 -1.92 -1.67
N ILE A 162 9.52 -1.22 -1.16
CA ILE A 162 9.45 -0.60 0.16
C ILE A 162 8.37 0.50 0.14
N ILE A 163 8.40 1.32 -0.92
CA ILE A 163 7.43 2.38 -1.09
C ILE A 163 6.03 1.76 -1.11
N ALA A 164 5.86 0.66 -1.85
CA ALA A 164 4.56 0.04 -2.03
C ALA A 164 4.06 -0.53 -0.70
N ILE A 165 4.97 -1.15 0.07
CA ILE A 165 4.64 -1.67 1.39
C ILE A 165 4.21 -0.53 2.31
N CYS A 166 4.84 0.64 2.18
CA CYS A 166 4.41 1.83 2.91
C CYS A 166 3.01 2.23 2.47
N GLY A 167 2.72 2.06 1.17
CA GLY A 167 1.37 2.23 0.66
C GLY A 167 0.37 1.50 1.53
N PHE A 168 0.65 0.23 1.80
CA PHE A 168 -0.23 -0.59 2.60
C PHE A 168 -0.31 0.00 4.02
N LEU A 169 0.84 0.27 4.64
CA LEU A 169 0.87 0.62 6.06
C LEU A 169 0.33 2.04 6.31
N ASN A 170 0.56 2.96 5.37
CA ASN A 170 0.09 4.34 5.50
C ASN A 170 -1.45 4.32 5.56
N ARG A 171 -2.07 3.55 4.65
CA ARG A 171 -3.51 3.47 4.54
C ARG A 171 -4.08 2.66 5.71
N TRP A 172 -3.43 1.55 6.03
CA TRP A 172 -3.87 0.69 7.14
C TRP A 172 -3.92 1.47 8.45
N ASN A 173 -2.86 2.22 8.76
CA ASN A 173 -2.77 2.93 10.04
C ASN A 173 -3.66 4.17 10.04
N ALA A 174 -3.99 4.69 8.87
CA ALA A 174 -5.00 5.74 8.75
C ALA A 174 -6.39 5.14 9.01
N ALA A 175 -6.63 3.93 8.49
CA ALA A 175 -7.92 3.24 8.64
C ALA A 175 -8.18 2.82 10.09
N MET A 176 -7.12 2.51 10.85
CA MET A 176 -7.24 2.17 12.28
C MET A 176 -7.20 3.44 13.14
N ASP A 177 -6.77 4.57 12.54
CA ASP A 177 -6.47 5.83 13.24
C ASP A 177 -5.51 5.56 14.39
N SER A 178 -4.44 4.80 14.10
CA SER A 178 -3.46 4.40 15.09
C SER A 178 -2.90 5.66 15.76
N GLN A 179 -2.84 5.66 17.09
CA GLN A 179 -2.34 6.82 17.85
C GLN A 179 -0.85 6.60 18.17
N ILE A 180 -0.03 7.64 17.91
CA ILE A 180 1.42 7.53 17.96
C ILE A 180 1.83 7.25 19.41
N GLU A 181 2.60 6.17 19.60
CA GLU A 181 3.05 5.73 20.90
C GLU A 181 4.11 6.72 21.42
N ALA A 182 4.39 6.68 22.73
CA ALA A 182 5.17 7.70 23.42
C ALA A 182 6.60 7.75 22.87
N ALA A 183 7.17 6.57 22.58
CA ALA A 183 8.55 6.47 22.13
C ALA A 183 8.71 7.02 20.71
N PRO A 184 7.92 6.54 19.71
CA PRO A 184 7.93 7.15 18.38
C PRO A 184 7.63 8.66 18.40
N ARG A 185 6.71 9.08 19.27
CA ARG A 185 6.32 10.49 19.43
C ARG A 185 7.55 11.33 19.77
N ALA A 186 8.39 10.83 20.69
CA ALA A 186 9.60 11.51 21.11
C ALA A 186 10.50 11.74 19.90
N THR A 187 10.76 10.65 19.16
CA THR A 187 11.58 10.67 17.94
C THR A 187 11.03 11.69 16.94
N LEU A 188 9.70 11.71 16.77
CA LEU A 188 9.05 12.55 15.78
C LEU A 188 9.18 14.03 16.16
N ASP A 189 8.96 14.36 17.44
CA ASP A 189 9.06 15.75 17.93
C ASP A 189 10.47 16.28 17.66
N GLU A 190 11.47 15.45 17.93
CA GLU A 190 12.87 15.82 17.76
C GLU A 190 13.15 16.11 16.27
N ILE A 191 12.70 15.20 15.40
CA ILE A 191 13.03 15.26 13.99
C ILE A 191 12.32 16.44 13.31
N GLU A 192 11.31 17.04 13.95
CA GLU A 192 10.62 18.29 13.44
C GLU A 192 11.03 19.53 14.25
N SER B 7 6.22 4.34 -21.73
CA SER B 7 6.54 4.35 -20.28
C SER B 7 7.79 5.21 -20.04
N MET B 8 7.80 5.93 -18.92
CA MET B 8 8.94 6.69 -18.46
C MET B 8 10.01 5.74 -17.91
N ASN B 9 9.60 4.51 -17.59
CA ASN B 9 10.41 3.51 -16.94
C ASN B 9 10.93 2.52 -17.99
N THR B 10 12.24 2.56 -18.24
CA THR B 10 12.92 1.65 -19.16
C THR B 10 13.92 0.76 -18.40
N LEU B 11 14.15 1.07 -17.11
CA LEU B 11 15.14 0.37 -16.27
C LEU B 11 14.65 -1.03 -15.88
N VAL B 12 13.40 -1.12 -15.44
CA VAL B 12 12.88 -2.36 -14.85
C VAL B 12 11.78 -2.91 -15.78
N THR B 13 12.14 -3.97 -16.51
CA THR B 13 11.34 -4.54 -17.58
C THR B 13 10.80 -5.89 -17.14
N PRO B 14 9.63 -6.32 -17.68
CA PRO B 14 9.07 -7.63 -17.35
C PRO B 14 9.91 -8.79 -17.91
N LEU B 15 9.93 -9.91 -17.18
CA LEU B 15 10.47 -11.15 -17.71
C LEU B 15 9.38 -11.83 -18.55
N GLN B 16 9.75 -12.85 -19.34
CA GLN B 16 8.77 -13.68 -20.06
C GLN B 16 8.10 -14.59 -19.03
N ARG B 17 6.79 -14.79 -19.17
CA ARG B 17 6.00 -15.61 -18.26
C ARG B 17 6.66 -16.99 -18.06
N SER B 18 7.07 -17.61 -19.16
CA SER B 18 7.63 -18.98 -19.16
C SER B 18 8.93 -19.08 -18.33
N ASP B 19 9.63 -17.95 -18.16
CA ASP B 19 10.91 -17.91 -17.44
C ASP B 19 10.74 -18.21 -15.94
N ALA B 20 9.55 -17.95 -15.37
CA ALA B 20 9.31 -18.13 -13.94
C ALA B 20 8.05 -18.97 -13.72
N PRO B 21 8.14 -20.32 -13.85
CA PRO B 21 6.98 -21.19 -13.63
C PRO B 21 6.54 -21.25 -12.16
N GLN B 22 7.49 -21.02 -11.25
CA GLN B 22 7.23 -21.07 -9.80
C GLN B 22 6.19 -20.00 -9.41
N LEU B 23 6.06 -18.95 -10.22
CA LEU B 23 5.19 -17.81 -9.91
C LEU B 23 3.80 -17.97 -10.54
N GLU B 24 3.54 -19.11 -11.19
CA GLU B 24 2.26 -19.33 -11.87
C GLU B 24 1.10 -19.15 -10.89
N PRO B 25 1.17 -19.68 -9.65
CA PRO B 25 0.16 -19.38 -8.63
C PRO B 25 -0.12 -17.87 -8.47
N VAL B 26 0.93 -17.04 -8.47
CA VAL B 26 0.83 -15.58 -8.33
C VAL B 26 0.16 -14.97 -9.57
N PHE B 27 0.63 -15.39 -10.75
CA PHE B 27 0.13 -14.87 -12.04
C PHE B 27 -1.36 -15.19 -12.19
N ARG B 28 -1.71 -16.46 -11.95
CA ARG B 28 -3.09 -16.94 -12.05
C ARG B 28 -4.00 -16.11 -11.15
N GLY B 29 -3.58 -15.91 -9.90
CA GLY B 29 -4.31 -15.10 -8.92
C GLY B 29 -4.80 -13.79 -9.52
N MET B 30 -3.90 -13.06 -10.19
CA MET B 30 -4.21 -11.74 -10.72
C MET B 30 -5.08 -11.86 -11.99
N GLU B 31 -4.67 -12.71 -12.94
CA GLU B 31 -5.28 -12.74 -14.29
C GLU B 31 -6.67 -13.39 -14.24
N GLN B 32 -6.93 -14.22 -13.23
CA GLN B 32 -8.21 -14.87 -13.07
C GLN B 32 -9.33 -13.82 -13.10
N ASN B 33 -9.16 -12.72 -12.37
CA ASN B 33 -10.18 -11.67 -12.23
C ASN B 33 -10.22 -10.78 -13.48
N LEU B 34 -9.04 -10.60 -14.09
CA LEU B 34 -8.73 -9.49 -14.99
C LEU B 34 -8.74 -9.93 -16.46
N GLY B 35 -8.39 -11.20 -16.72
CA GLY B 35 -8.40 -11.79 -18.08
C GLY B 35 -7.00 -11.93 -18.68
N PHE B 36 -6.03 -11.15 -18.17
CA PHE B 36 -4.66 -11.14 -18.66
C PHE B 36 -3.70 -10.88 -17.49
N LEU B 37 -2.41 -11.10 -17.73
CA LEU B 37 -1.38 -10.88 -16.72
C LEU B 37 -0.75 -9.50 -16.94
N PRO B 38 -0.93 -8.54 -16.00
CA PRO B 38 -0.30 -7.23 -16.13
C PRO B 38 1.23 -7.34 -16.10
N ASN B 39 1.88 -6.52 -16.93
CA ASN B 39 3.34 -6.46 -17.01
C ASN B 39 3.95 -6.14 -15.64
N GLY B 40 3.22 -5.36 -14.82
CA GLY B 40 3.69 -4.97 -13.49
C GLY B 40 3.96 -6.16 -12.60
N ILE B 41 3.22 -7.26 -12.79
CA ILE B 41 3.43 -8.45 -11.97
C ILE B 41 4.59 -9.27 -12.54
N LEU B 42 4.78 -9.21 -13.86
CA LEU B 42 5.92 -9.85 -14.52
C LEU B 42 7.22 -9.15 -14.13
N THR B 43 7.16 -7.84 -13.88
CA THR B 43 8.33 -7.08 -13.39
C THR B 43 8.60 -7.47 -11.94
N MET B 44 7.53 -7.60 -11.15
CA MET B 44 7.60 -8.00 -9.73
C MET B 44 8.24 -9.38 -9.61
N GLY B 45 8.07 -10.21 -10.65
CA GLY B 45 8.59 -11.57 -10.71
C GLY B 45 10.10 -11.65 -10.60
N LYS B 46 10.82 -10.58 -10.96
CA LYS B 46 12.28 -10.58 -10.94
C LYS B 46 12.80 -10.58 -9.50
N ASN B 47 11.92 -10.36 -8.53
CA ASN B 47 12.20 -10.64 -7.14
C ASN B 47 11.20 -11.68 -6.65
N PRO B 48 11.47 -13.00 -6.82
CA PRO B 48 10.46 -14.02 -6.58
C PRO B 48 9.89 -14.00 -5.15
N ASP B 49 10.72 -13.68 -4.16
CA ASP B 49 10.29 -13.56 -2.75
C ASP B 49 9.19 -12.49 -2.60
N LEU B 50 9.35 -11.37 -3.33
CA LEU B 50 8.43 -10.26 -3.28
C LEU B 50 7.11 -10.66 -3.96
N ALA B 51 7.22 -11.23 -5.16
CA ALA B 51 6.07 -11.62 -5.95
C ALA B 51 5.19 -12.63 -5.18
N VAL B 52 5.81 -13.65 -4.60
CA VAL B 52 5.07 -14.69 -3.85
C VAL B 52 4.39 -14.06 -2.63
N ALA B 53 5.11 -13.21 -1.89
CA ALA B 53 4.56 -12.55 -0.70
C ALA B 53 3.41 -11.61 -1.08
N PHE B 54 3.61 -10.79 -2.12
CA PHE B 54 2.54 -9.90 -2.54
C PHE B 54 1.35 -10.72 -3.08
N GLY B 55 1.64 -11.78 -3.84
CA GLY B 55 0.60 -12.65 -4.39
C GLY B 55 -0.30 -13.20 -3.29
N GLY B 56 0.34 -13.67 -2.21
CA GLY B 56 -0.31 -14.13 -1.01
C GLY B 56 -1.25 -13.09 -0.41
N LEU B 57 -0.78 -11.83 -0.35
CA LEU B 57 -1.58 -10.74 0.17
C LEU B 57 -2.79 -10.48 -0.73
N PHE B 58 -2.55 -10.45 -2.05
CA PHE B 58 -3.59 -10.07 -3.00
C PHE B 58 -4.74 -11.09 -3.02
N LYS B 59 -4.41 -12.38 -2.85
CA LYS B 59 -5.42 -13.45 -2.89
C LYS B 59 -6.37 -13.33 -1.69
N CYS B 60 -5.95 -12.64 -0.62
CA CYS B 60 -6.80 -12.40 0.56
C CYS B 60 -8.12 -11.72 0.17
N ILE B 61 -8.10 -10.92 -0.90
CA ILE B 61 -9.31 -10.18 -1.33
C ILE B 61 -10.43 -11.16 -1.66
N ASP B 62 -10.15 -12.14 -2.55
CA ASP B 62 -11.16 -13.10 -2.99
C ASP B 62 -11.63 -13.95 -1.82
N ALA B 63 -10.75 -14.20 -0.85
CA ALA B 63 -11.03 -15.07 0.31
C ALA B 63 -11.89 -14.37 1.37
N PHE B 64 -11.94 -13.03 1.38
CA PHE B 64 -12.72 -12.28 2.39
C PHE B 64 -14.20 -12.68 2.32
N LYS B 65 -14.85 -12.78 3.48
CA LYS B 65 -16.15 -13.44 3.61
C LYS B 65 -17.25 -12.49 4.12
N HIS B 66 -16.87 -11.33 4.67
CA HIS B 66 -17.81 -10.49 5.44
C HIS B 66 -18.35 -9.32 4.62
N ILE B 67 -17.88 -9.16 3.39
CA ILE B 67 -18.48 -8.19 2.46
C ILE B 67 -18.69 -8.87 1.11
N PRO B 68 -19.75 -8.50 0.37
CA PRO B 68 -20.01 -9.08 -0.95
C PRO B 68 -18.87 -8.76 -1.94
N THR B 69 -18.79 -9.57 -3.00
CA THR B 69 -17.78 -9.45 -4.05
C THR B 69 -17.89 -8.11 -4.77
N GLU B 70 -19.12 -7.67 -5.06
CA GLU B 70 -19.37 -6.42 -5.80
C GLU B 70 -18.79 -5.21 -5.04
N LEU B 71 -18.86 -5.23 -3.71
CA LEU B 71 -18.38 -4.16 -2.86
C LEU B 71 -16.85 -4.18 -2.82
N LYS B 72 -16.27 -5.39 -2.80
CA LYS B 72 -14.81 -5.57 -2.80
C LYS B 72 -14.17 -4.74 -3.92
N TRP B 73 -14.67 -4.90 -5.15
CA TRP B 73 -14.06 -4.28 -6.31
C TRP B 73 -14.46 -2.80 -6.40
N ALA B 74 -15.66 -2.46 -5.91
CA ALA B 74 -16.08 -1.06 -5.82
C ALA B 74 -15.10 -0.29 -4.91
N ILE B 75 -14.75 -0.88 -3.76
CA ILE B 75 -13.81 -0.26 -2.81
C ILE B 75 -12.47 0.01 -3.51
N ALA B 76 -11.97 -0.99 -4.24
CA ALA B 76 -10.68 -0.92 -4.93
C ALA B 76 -10.73 0.12 -6.03
N MET B 77 -11.88 0.22 -6.70
CA MET B 77 -12.10 1.22 -7.74
C MET B 77 -11.95 2.63 -7.15
N ILE B 78 -12.71 2.90 -6.08
CA ILE B 78 -12.82 4.23 -5.43
C ILE B 78 -11.47 4.61 -4.79
N SER B 79 -10.87 3.68 -4.04
CA SER B 79 -9.56 3.90 -3.42
C SER B 79 -8.53 4.30 -4.49
N SER B 80 -8.48 3.53 -5.59
CA SER B 80 -7.50 3.76 -6.65
C SER B 80 -7.73 5.14 -7.29
N SER B 81 -9.01 5.51 -7.44
CA SER B 81 -9.38 6.79 -8.04
C SER B 81 -8.99 7.93 -7.10
N ALA B 82 -9.34 7.80 -5.81
CA ALA B 82 -8.99 8.80 -4.82
C ALA B 82 -7.47 9.04 -4.82
N ALA B 83 -6.70 7.95 -4.96
CA ALA B 83 -5.24 8.02 -4.96
C ALA B 83 -4.70 8.54 -6.31
N GLY B 84 -5.56 8.69 -7.31
CA GLY B 84 -5.18 9.24 -8.60
C GLY B 84 -4.35 8.28 -9.45
N CYS B 85 -4.48 6.97 -9.19
CA CYS B 85 -3.84 5.95 -10.02
C CYS B 85 -4.84 5.45 -11.08
N MET B 86 -4.73 5.99 -12.29
CA MET B 86 -5.69 5.71 -13.35
C MET B 86 -5.51 4.27 -13.84
N TYR B 87 -4.28 3.76 -13.76
CA TYR B 87 -3.98 2.39 -14.14
C TYR B 87 -4.82 1.42 -13.29
N CYS B 88 -4.67 1.52 -11.97
CA CYS B 88 -5.36 0.65 -11.03
C CYS B 88 -6.88 0.90 -11.11
N LYS B 89 -7.27 2.17 -11.32
CA LYS B 89 -8.68 2.53 -11.50
C LYS B 89 -9.28 1.77 -12.70
N SER B 90 -8.53 1.71 -13.81
CA SER B 90 -8.98 1.01 -15.01
C SER B 90 -9.11 -0.50 -14.73
N HIS B 91 -8.10 -1.08 -14.07
CA HIS B 91 -8.04 -2.52 -13.80
C HIS B 91 -9.21 -2.98 -12.92
N PHE B 92 -9.43 -2.29 -11.79
CA PHE B 92 -10.45 -2.69 -10.84
C PHE B 92 -11.84 -2.45 -11.45
N SER B 93 -11.97 -1.40 -12.26
CA SER B 93 -13.19 -1.16 -13.02
C SER B 93 -13.46 -2.36 -13.94
N HIS B 94 -12.43 -2.77 -14.68
CA HIS B 94 -12.46 -3.89 -15.64
C HIS B 94 -12.87 -5.18 -14.92
N ILE B 95 -12.24 -5.43 -13.76
CA ILE B 95 -12.57 -6.59 -12.93
C ILE B 95 -14.05 -6.51 -12.55
N ALA B 96 -14.49 -5.34 -12.10
CA ALA B 96 -15.85 -5.14 -11.61
C ALA B 96 -16.87 -5.43 -12.72
N THR B 97 -16.55 -5.06 -13.97
CA THR B 97 -17.47 -5.23 -15.11
C THR B 97 -17.45 -6.69 -15.61
N ARG B 98 -16.36 -7.42 -15.34
CA ARG B 98 -16.21 -8.81 -15.77
C ARG B 98 -17.02 -9.72 -14.86
N THR B 99 -17.20 -9.30 -13.60
CA THR B 99 -17.81 -10.13 -12.56
C THR B 99 -19.25 -9.67 -12.28
N HIS B 100 -19.58 -8.39 -12.50
CA HIS B 100 -20.84 -7.82 -12.01
C HIS B 100 -21.99 -8.15 -12.98
N VAL B 101 -23.15 -8.50 -12.38
CA VAL B 101 -24.39 -8.80 -13.08
C VAL B 101 -25.06 -7.49 -13.51
N ASN B 102 -24.87 -6.42 -12.73
CA ASN B 102 -25.52 -5.10 -12.94
C ASN B 102 -24.49 -4.08 -13.44
N ARG B 103 -24.39 -3.97 -14.77
CA ARG B 103 -23.41 -3.10 -15.43
C ARG B 103 -23.61 -1.64 -15.01
N ASN B 104 -24.87 -1.21 -14.85
CA ASN B 104 -25.22 0.20 -14.63
C ASN B 104 -24.67 0.67 -13.28
N LYS B 105 -24.75 -0.22 -12.29
CA LYS B 105 -24.33 0.09 -10.92
C LYS B 105 -22.82 0.31 -10.90
N VAL B 106 -22.07 -0.53 -11.63
CA VAL B 106 -20.64 -0.42 -11.71
C VAL B 106 -20.27 0.92 -12.37
N MET B 107 -20.99 1.28 -13.45
CA MET B 107 -20.67 2.47 -14.24
C MET B 107 -20.93 3.76 -13.44
N ALA B 108 -21.73 3.68 -12.39
CA ALA B 108 -22.09 4.83 -11.57
C ALA B 108 -21.26 4.87 -10.27
N ALA B 109 -20.27 3.98 -10.14
CA ALA B 109 -19.56 3.77 -8.87
C ALA B 109 -18.92 5.08 -8.39
N PHE B 110 -18.32 5.85 -9.29
CA PHE B 110 -17.59 7.07 -8.89
C PHE B 110 -18.56 8.19 -8.46
N GLU B 111 -19.86 8.01 -8.72
CA GLU B 111 -20.90 8.93 -8.26
C GLU B 111 -21.69 8.33 -7.08
N PHE B 112 -21.10 7.34 -6.41
CA PHE B 112 -21.80 6.52 -5.40
C PHE B 112 -22.57 7.38 -4.41
N GLN B 113 -22.08 8.59 -4.10
CA GLN B 113 -22.68 9.42 -3.03
C GLN B 113 -24.07 9.94 -3.45
N THR B 114 -24.34 10.04 -4.75
CA THR B 114 -25.64 10.57 -5.24
C THR B 114 -26.37 9.58 -6.15
N SER B 115 -25.68 8.57 -6.69
CA SER B 115 -26.32 7.55 -7.53
C SER B 115 -27.24 6.68 -6.66
N ASP B 116 -28.44 6.42 -7.17
CA ASP B 116 -29.45 5.69 -6.40
C ASP B 116 -29.20 4.17 -6.51
N PHE B 117 -28.21 3.76 -7.30
CA PHE B 117 -27.77 2.36 -7.36
C PHE B 117 -27.06 1.94 -6.06
N TYR B 118 -26.71 2.91 -5.19
CA TYR B 118 -25.96 2.66 -3.96
C TYR B 118 -26.77 3.08 -2.73
N ASN B 119 -26.80 2.20 -1.73
CA ASN B 119 -27.47 2.46 -0.46
C ASN B 119 -26.46 3.09 0.51
N GLU B 120 -26.91 3.41 1.72
CA GLU B 120 -26.12 4.15 2.69
C GLU B 120 -24.96 3.30 3.22
N ALA B 121 -25.15 1.98 3.29
CA ALA B 121 -24.12 1.04 3.74
C ALA B 121 -22.94 1.06 2.76
N GLU B 122 -23.26 1.00 1.47
CA GLU B 122 -22.27 1.03 0.42
C GLU B 122 -21.54 2.38 0.43
N ARG B 123 -22.29 3.47 0.60
CA ARG B 123 -21.74 4.83 0.59
C ARG B 123 -20.77 5.01 1.76
N ALA B 124 -21.11 4.41 2.91
CA ALA B 124 -20.27 4.52 4.09
C ALA B 124 -18.90 3.90 3.80
N ALA B 125 -18.91 2.73 3.16
CA ALA B 125 -17.69 1.98 2.85
C ALA B 125 -16.87 2.71 1.77
N LEU B 126 -17.54 3.23 0.75
CA LEU B 126 -16.85 3.83 -0.38
C LEU B 126 -16.34 5.22 -0.01
N ALA B 127 -17.07 5.96 0.84
CA ALA B 127 -16.62 7.26 1.34
C ALA B 127 -15.37 7.07 2.20
N PHE B 128 -15.38 6.03 3.04
CA PHE B 128 -14.22 5.67 3.85
C PHE B 128 -13.04 5.36 2.92
N ALA B 129 -13.29 4.57 1.86
CA ALA B 129 -12.25 4.17 0.91
C ALA B 129 -11.61 5.41 0.26
N PHE B 130 -12.44 6.39 -0.11
CA PHE B 130 -11.98 7.61 -0.76
C PHE B 130 -11.07 8.39 0.18
N ALA B 131 -11.58 8.65 1.39
CA ALA B 131 -10.93 9.47 2.38
C ALA B 131 -9.62 8.84 2.85
N ASN B 132 -9.57 7.51 2.81
CA ASN B 132 -8.45 6.72 3.31
C ASN B 132 -7.27 6.83 2.34
N SER B 133 -7.54 7.13 1.07
CA SER B 133 -6.62 6.86 -0.04
C SER B 133 -5.92 8.12 -0.55
N THR B 134 -6.32 9.30 -0.08
CA THR B 134 -5.67 10.55 -0.47
C THR B 134 -4.38 10.72 0.35
N SER B 135 -3.53 11.65 -0.10
CA SER B 135 -2.33 12.06 0.59
C SER B 135 -2.45 13.53 0.99
N PRO B 136 -2.57 13.82 2.29
CA PRO B 136 -2.80 12.87 3.37
C PRO B 136 -4.22 12.29 3.35
N ALA B 137 -4.45 11.26 4.16
CA ALA B 137 -5.80 10.74 4.42
C ALA B 137 -6.65 11.86 5.01
N HIS B 138 -7.92 11.95 4.61
CA HIS B 138 -8.84 12.95 5.16
C HIS B 138 -10.03 12.26 5.85
N LEU B 139 -9.78 11.08 6.43
CA LEU B 139 -10.76 10.42 7.27
C LEU B 139 -11.06 11.30 8.49
N ASP B 140 -12.35 11.53 8.74
CA ASP B 140 -12.84 12.32 9.87
C ASP B 140 -13.73 11.40 10.72
N LYS B 141 -14.17 11.90 11.88
CA LYS B 141 -14.89 11.06 12.82
C LYS B 141 -16.14 10.48 12.15
N GLU B 142 -16.77 11.26 11.26
CA GLU B 142 -18.00 10.86 10.57
C GLU B 142 -17.77 9.60 9.73
N HIS B 143 -16.61 9.51 9.07
CA HIS B 143 -16.26 8.35 8.27
C HIS B 143 -16.32 7.09 9.14
N PHE B 144 -15.75 7.19 10.35
CA PHE B 144 -15.69 6.09 11.31
C PHE B 144 -17.08 5.79 11.91
N ASP B 145 -17.83 6.84 12.28
CA ASP B 145 -19.17 6.69 12.85
C ASP B 145 -20.04 5.93 11.85
N GLU B 146 -20.01 6.38 10.59
CA GLU B 146 -20.84 5.82 9.53
C GLU B 146 -20.44 4.36 9.26
N LEU B 147 -19.14 4.04 9.30
CA LEU B 147 -18.69 2.67 9.06
C LEU B 147 -19.22 1.75 10.17
N ALA B 148 -19.09 2.21 11.41
CA ALA B 148 -19.57 1.47 12.60
C ALA B 148 -21.08 1.26 12.53
N ARG B 149 -21.80 2.21 11.93
CA ARG B 149 -23.24 2.15 11.82
C ARG B 149 -23.67 0.97 10.94
N TYR B 150 -22.86 0.62 9.92
CA TYR B 150 -23.31 -0.31 8.88
C TYR B 150 -22.45 -1.57 8.76
N TYR B 151 -21.35 -1.68 9.53
CA TYR B 151 -20.43 -2.82 9.35
C TYR B 151 -19.89 -3.33 10.69
N SER B 152 -19.72 -4.66 10.75
CA SER B 152 -19.06 -5.33 11.87
C SER B 152 -17.55 -5.05 11.82
N GLU B 153 -16.89 -5.29 12.96
CA GLU B 153 -15.43 -5.24 13.07
C GLU B 153 -14.79 -6.09 11.98
N GLU B 154 -15.33 -7.30 11.75
CA GLU B 154 -14.81 -8.25 10.77
C GLU B 154 -14.83 -7.61 9.38
N ALA B 155 -15.96 -7.00 9.05
CA ALA B 155 -16.19 -6.36 7.77
C ALA B 155 -15.27 -5.14 7.62
N ALA B 156 -15.17 -4.33 8.67
CA ALA B 156 -14.37 -3.10 8.64
C ALA B 156 -12.91 -3.44 8.33
N ILE B 157 -12.42 -4.53 8.92
CA ILE B 157 -11.04 -4.99 8.71
C ILE B 157 -10.83 -5.33 7.23
N GLU B 158 -11.81 -6.00 6.60
CA GLU B 158 -11.69 -6.45 5.22
C GLU B 158 -11.74 -5.25 4.27
N ILE B 159 -12.56 -4.24 4.63
CA ILE B 159 -12.64 -3.00 3.88
C ILE B 159 -11.28 -2.30 3.94
N ALA B 160 -10.77 -2.07 5.16
CA ALA B 160 -9.46 -1.45 5.37
C ALA B 160 -8.38 -2.21 4.58
N ALA B 161 -8.45 -3.55 4.62
CA ALA B 161 -7.45 -4.41 4.00
C ALA B 161 -7.41 -4.20 2.48
N ILE B 162 -8.58 -4.10 1.85
CA ILE B 162 -8.65 -3.91 0.40
C ILE B 162 -8.04 -2.55 0.05
N ILE B 163 -8.40 -1.52 0.82
CA ILE B 163 -7.88 -0.20 0.61
C ILE B 163 -6.34 -0.26 0.71
N ALA B 164 -5.84 -0.95 1.74
CA ALA B 164 -4.41 -0.99 2.01
C ALA B 164 -3.69 -1.73 0.88
N ILE B 165 -4.29 -2.81 0.38
CA ILE B 165 -3.72 -3.56 -0.75
C ILE B 165 -3.66 -2.66 -1.99
N CYS B 166 -4.66 -1.80 -2.16
CA CYS B 166 -4.62 -0.80 -3.23
C CYS B 166 -3.47 0.18 -3.00
N GLY B 167 -3.21 0.50 -1.73
CA GLY B 167 -2.03 1.27 -1.35
C GLY B 167 -0.79 0.71 -2.01
N PHE B 168 -0.61 -0.60 -1.89
CA PHE B 168 0.53 -1.28 -2.47
C PHE B 168 0.49 -1.13 -4.00
N LEU B 169 -0.65 -1.46 -4.62
CA LEU B 169 -0.72 -1.57 -6.07
C LEU B 169 -0.71 -0.18 -6.74
N ASN B 170 -1.30 0.82 -6.10
CA ASN B 170 -1.31 2.19 -6.63
C ASN B 170 0.13 2.70 -6.76
N ARG B 171 0.93 2.47 -5.70
CA ARG B 171 2.31 2.95 -5.66
C ARG B 171 3.19 2.09 -6.58
N TRP B 172 2.99 0.76 -6.53
CA TRP B 172 3.75 -0.16 -7.37
C TRP B 172 3.59 0.19 -8.85
N ASN B 173 2.34 0.39 -9.30
CA ASN B 173 2.08 0.63 -10.72
C ASN B 173 2.51 2.04 -11.13
N ALA B 174 2.57 2.96 -10.17
CA ALA B 174 3.14 4.28 -10.42
C ALA B 174 4.66 4.15 -10.57
N ALA B 175 5.29 3.30 -9.73
CA ALA B 175 6.75 3.11 -9.75
C ALA B 175 7.22 2.41 -11.03
N MET B 176 6.38 1.54 -11.62
CA MET B 176 6.67 0.88 -12.89
C MET B 176 6.23 1.75 -14.08
N ASP B 177 5.42 2.77 -13.81
CA ASP B 177 4.73 3.59 -14.80
C ASP B 177 3.98 2.67 -15.78
N SER B 178 3.23 1.71 -15.22
CA SER B 178 2.47 0.75 -16.00
C SER B 178 1.53 1.51 -16.94
N GLN B 179 1.52 1.13 -18.23
CA GLN B 179 0.69 1.81 -19.24
C GLN B 179 -0.60 1.00 -19.40
N ILE B 180 -1.74 1.71 -19.40
CA ILE B 180 -3.06 1.07 -19.35
C ILE B 180 -3.24 0.26 -20.63
N GLU B 181 -3.57 -1.03 -20.46
CA GLU B 181 -3.76 -1.94 -21.59
C GLU B 181 -5.07 -1.56 -22.29
N ALA B 182 -5.22 -2.06 -23.52
CA ALA B 182 -6.28 -1.63 -24.43
C ALA B 182 -7.66 -1.97 -23.84
N ALA B 183 -7.76 -3.15 -23.21
CA ALA B 183 -9.04 -3.65 -22.70
C ALA B 183 -9.48 -2.83 -21.49
N PRO B 184 -8.64 -2.68 -20.43
CA PRO B 184 -8.97 -1.79 -19.32
C PRO B 184 -9.25 -0.34 -19.76
N ARG B 185 -8.49 0.14 -20.75
CA ARG B 185 -8.65 1.49 -21.29
C ARG B 185 -10.07 1.67 -21.83
N ALA B 186 -10.57 0.68 -22.55
CA ALA B 186 -11.93 0.70 -23.10
C ALA B 186 -12.94 0.88 -21.96
N THR B 187 -12.82 0.02 -20.93
CA THR B 187 -13.68 0.08 -19.75
C THR B 187 -13.61 1.45 -19.07
N LEU B 188 -12.40 2.02 -19.00
CA LEU B 188 -12.19 3.30 -18.31
C LEU B 188 -12.88 4.43 -19.09
N ASP B 189 -12.72 4.45 -20.43
CA ASP B 189 -13.35 5.47 -21.29
C ASP B 189 -14.87 5.45 -21.11
N GLU B 190 -15.43 4.23 -21.09
CA GLU B 190 -16.87 4.02 -20.95
C GLU B 190 -17.35 4.57 -19.60
N ILE B 191 -16.62 4.23 -18.53
CA ILE B 191 -17.03 4.61 -17.18
C ILE B 191 -16.82 6.13 -16.97
N GLU B 192 -15.90 6.73 -17.74
CA GLU B 192 -15.70 8.19 -17.81
C GLU B 192 -16.43 8.73 -19.04
S SO4 C . 27.88 12.43 -4.62
O1 SO4 C . 27.00 11.35 -5.08
O2 SO4 C . 28.05 13.42 -5.70
O3 SO4 C . 29.19 11.85 -4.19
O4 SO4 C . 27.27 13.08 -3.43
#